data_3VYB
#
_entry.id   3VYB
#
_cell.length_a   88.693
_cell.length_b   97.758
_cell.length_c   55.725
_cell.angle_alpha   90.00
_cell.angle_beta   90.00
_cell.angle_gamma   90.00
#
_symmetry.space_group_name_H-M   'C 2 2 21'
#
loop_
_entity.id
_entity.type
_entity.pdbx_description
1 polymer 'Methyl-CpG-binding domain protein 4'
2 polymer "DNA (5'-D(*GP*TP*CP*AP*CP*TP*AP*CP*(5CM)P*GP*GP*AP*CP*A)-3')"
3 polymer "DNA (5'-D(*GP*TP*CP*(5HC)P*GP*GP*TP*AP*GP*TP*GP*AP*CP*T)-3')"
4 non-polymer 'ACETATE ION'
5 non-polymer 1,2-ETHANEDIOL
6 water water
#
loop_
_entity_poly.entity_id
_entity_poly.type
_entity_poly.pdbx_seq_one_letter_code
_entity_poly.pdbx_strand_id
1 'polypeptide(L)' SGHKPVPCGWERVVKQRLSGKTAGKFDVYFISPQGLKFRSKRSLANYLLKNGETFLKPEDFNFTVLPKG A
2 'polydeoxyribonucleotide' (DG)(DT)(DC)(DA)(DC)(DT)(DA)(DC)(5CM)(DG)(DG)(DA)(DC)(DA) B
3 'polydeoxyribonucleotide' (DG)(DT)(DC)(5HC)(DG)(DG)(DT)(DA)(DG)(DT)(DG)(DA)(DC)(DT) C
#
loop_
_chem_comp.id
_chem_comp.type
_chem_comp.name
_chem_comp.formula
5CM DNA linking 5-METHYL-2'-DEOXY-CYTIDINE-5'-MONOPHOSPHATE 'C10 H16 N3 O7 P'
5HC DNA linking '2'-deoxy-5-(hydroxymethyl)cytidine 5'-(dihydrogen phosphate)' 'C10 H16 N3 O8 P'
ACT non-polymer 'ACETATE ION' 'C2 H3 O2 -1'
DA DNA linking 2'-DEOXYADENOSINE-5'-MONOPHOSPHATE 'C10 H14 N5 O6 P'
DC DNA linking 2'-DEOXYCYTIDINE-5'-MONOPHOSPHATE 'C9 H14 N3 O7 P'
DG DNA linking 2'-DEOXYGUANOSINE-5'-MONOPHOSPHATE 'C10 H14 N5 O7 P'
DT DNA linking THYMIDINE-5'-MONOPHOSPHATE 'C10 H15 N2 O8 P'
EDO non-polymer 1,2-ETHANEDIOL 'C2 H6 O2'
#
# COMPACT_ATOMS: atom_id res chain seq x y z
N PRO A 5 -12.01 -1.72 -2.51
CA PRO A 5 -11.40 -0.68 -1.67
C PRO A 5 -9.87 -0.76 -1.67
N VAL A 6 -9.25 -0.23 -0.62
CA VAL A 6 -7.81 -0.31 -0.45
C VAL A 6 -7.49 -1.37 0.60
N PRO A 7 -6.67 -2.36 0.24
CA PRO A 7 -6.31 -3.43 1.17
C PRO A 7 -5.84 -2.88 2.51
N CYS A 8 -6.23 -3.58 3.58
CA CYS A 8 -6.02 -3.12 4.94
C CYS A 8 -4.56 -2.76 5.24
N GLY A 9 -4.35 -1.54 5.73
CA GLY A 9 -3.02 -1.11 6.13
C GLY A 9 -2.25 -0.45 5.01
N TRP A 10 -2.81 -0.50 3.80
CA TRP A 10 -2.20 0.12 2.63
C TRP A 10 -2.76 1.51 2.43
N GLU A 11 -2.05 2.33 1.69
CA GLU A 11 -2.51 3.68 1.43
C GLU A 11 -2.44 3.98 -0.07
N ARG A 12 -3.46 4.68 -0.57
CA ARG A 12 -3.50 5.07 -1.97
C ARG A 12 -3.41 6.57 -2.08
N VAL A 13 -2.49 7.05 -2.92
CA VAL A 13 -2.33 8.48 -3.13
C VAL A 13 -2.63 8.85 -4.57
N VAL A 14 -3.47 9.87 -4.77
CA VAL A 14 -3.82 10.36 -6.10
C VAL A 14 -3.31 11.78 -6.31
N LYS A 15 -2.72 12.04 -7.47
CA LYS A 15 -2.24 13.37 -7.81
C LYS A 15 -2.60 13.76 -9.22
N GLN A 16 -2.72 15.07 -9.46
CA GLN A 16 -2.97 15.58 -10.81
C GLN A 16 -1.88 16.53 -11.29
N ARG A 17 -1.34 16.26 -12.47
CA ARG A 17 -0.34 17.14 -13.06
C ARG A 17 -0.93 18.49 -13.40
N LEU A 18 -0.15 19.55 -13.23
CA LEU A 18 -0.67 20.92 -13.35
C LEU A 18 0.02 21.76 -14.42
N SER A 19 1.18 21.31 -14.89
CA SER A 19 1.91 22.05 -15.92
C SER A 19 2.56 21.14 -16.95
N GLY A 20 2.97 21.73 -18.08
CA GLY A 20 3.61 20.98 -19.15
C GLY A 20 2.61 20.28 -20.04
N LYS A 21 3.12 19.52 -21.01
CA LYS A 21 2.27 18.83 -21.99
C LYS A 21 1.29 17.85 -21.33
N THR A 22 1.65 17.32 -20.17
CA THR A 22 0.83 16.29 -19.53
C THR A 22 -0.09 16.81 -18.43
N ALA A 23 -0.13 18.13 -18.26
CA ALA A 23 -1.08 18.74 -17.34
C ALA A 23 -2.46 18.06 -17.44
N GLY A 24 -3.11 17.89 -16.30
CA GLY A 24 -4.44 17.30 -16.28
C GLY A 24 -4.44 15.80 -16.10
N LYS A 25 -3.31 15.16 -16.42
CA LYS A 25 -3.17 13.73 -16.20
C LYS A 25 -3.01 13.40 -14.72
N PHE A 26 -3.33 12.16 -14.37
CA PHE A 26 -3.31 11.71 -12.99
C PHE A 26 -2.21 10.70 -12.72
N ASP A 27 -1.63 10.77 -11.52
CA ASP A 27 -0.66 9.79 -11.06
C ASP A 27 -1.14 9.14 -9.78
N VAL A 28 -1.01 7.82 -9.70
CA VAL A 28 -1.47 7.08 -8.54
C VAL A 28 -0.34 6.23 -8.05
N TYR A 29 -0.18 6.16 -6.74
CA TYR A 29 0.81 5.25 -6.17
C TYR A 29 0.33 4.72 -4.83
N PHE A 30 0.91 3.61 -4.40
CA PHE A 30 0.48 2.96 -3.17
C PHE A 30 1.61 2.90 -2.13
N ILE A 31 1.23 2.94 -0.86
CA ILE A 31 2.19 2.73 0.21
C ILE A 31 1.77 1.51 1.01
N SER A 32 2.70 0.55 1.14
CA SER A 32 2.46 -0.65 1.92
C SER A 32 2.47 -0.34 3.42
N PRO A 33 2.02 -1.30 4.24
CA PRO A 33 2.02 -1.08 5.69
C PRO A 33 3.41 -0.73 6.21
N GLN A 34 4.45 -1.25 5.58
CA GLN A 34 5.83 -1.01 6.01
C GLN A 34 6.44 0.23 5.35
N GLY A 35 5.67 0.93 4.53
CA GLY A 35 6.12 2.18 3.95
C GLY A 35 6.80 2.10 2.60
N LEU A 36 6.78 0.91 1.98
CA LEU A 36 7.27 0.76 0.62
C LEU A 36 6.32 1.40 -0.39
N LYS A 37 6.88 2.14 -1.34
CA LYS A 37 6.12 2.92 -2.31
C LYS A 37 6.09 2.26 -3.69
N PHE A 38 4.91 2.09 -4.27
CA PHE A 38 4.79 1.51 -5.61
C PHE A 38 4.10 2.47 -6.58
N ARG A 39 4.77 2.76 -7.69
CA ARG A 39 4.26 3.73 -8.67
C ARG A 39 3.59 3.08 -9.87
N SER A 40 3.65 1.76 -9.95
CA SER A 40 3.12 1.04 -11.09
C SER A 40 2.51 -0.29 -10.69
N LYS A 41 1.54 -0.75 -11.47
CA LYS A 41 0.90 -2.04 -11.24
C LYS A 41 1.88 -3.18 -11.49
N ARG A 42 2.86 -2.94 -12.36
CA ARG A 42 3.86 -3.95 -12.68
C ARG A 42 4.83 -4.20 -11.53
N SER A 43 5.33 -3.13 -10.91
CA SER A 43 6.27 -3.30 -9.81
C SER A 43 5.57 -3.84 -8.57
N LEU A 44 4.29 -3.49 -8.41
CA LEU A 44 3.52 -4.00 -7.28
C LEU A 44 3.18 -5.48 -7.45
N ALA A 45 2.78 -5.86 -8.66
CA ALA A 45 2.48 -7.25 -8.95
C ALA A 45 3.70 -8.11 -8.70
N ASN A 46 4.87 -7.61 -9.10
CA ASN A 46 6.11 -8.34 -8.89
C ASN A 46 6.39 -8.52 -7.41
N TYR A 47 6.17 -7.47 -6.63
CA TYR A 47 6.35 -7.52 -5.19
C TYR A 47 5.35 -8.49 -4.55
N LEU A 48 4.11 -8.48 -5.03
CA LEU A 48 3.07 -9.33 -4.47
C LEU A 48 3.34 -10.82 -4.66
N LEU A 49 4.09 -11.17 -5.70
CA LEU A 49 4.38 -12.57 -6.01
C LEU A 49 4.84 -13.32 -4.76
N LYS A 50 5.79 -12.72 -4.05
CA LYS A 50 6.40 -13.39 -2.91
C LYS A 50 6.06 -12.72 -1.57
N ASN A 51 5.50 -11.51 -1.63
CA ASN A 51 5.29 -10.71 -0.42
C ASN A 51 3.84 -10.37 -0.11
N GLY A 52 2.91 -10.91 -0.88
CA GLY A 52 1.50 -10.59 -0.70
C GLY A 52 0.85 -11.36 0.44
N GLU A 53 1.48 -12.45 0.85
CA GLU A 53 1.00 -13.26 1.97
C GLU A 53 1.15 -12.55 3.30
N THR A 54 0.15 -12.70 4.15
CA THR A 54 0.19 -12.19 5.52
C THR A 54 -0.28 -13.27 6.46
N PHE A 55 0.40 -13.44 7.58
CA PHE A 55 0.07 -14.50 8.53
C PHE A 55 -0.27 -13.96 9.91
N LEU A 56 -0.95 -14.78 10.71
CA LEU A 56 -1.34 -14.39 12.05
C LEU A 56 -1.06 -15.52 13.04
N LYS A 57 -0.59 -15.13 14.23
CA LYS A 57 -0.35 -16.08 15.32
C LYS A 57 -1.13 -15.64 16.55
N PRO A 58 -1.41 -16.58 17.46
CA PRO A 58 -2.11 -16.26 18.70
C PRO A 58 -1.41 -15.12 19.46
N GLU A 59 -0.08 -15.11 19.43
CA GLU A 59 0.68 -14.10 20.16
C GLU A 59 0.41 -12.68 19.65
N ASP A 60 -0.18 -12.59 18.46
CA ASP A 60 -0.53 -11.30 17.87
C ASP A 60 -1.82 -10.72 18.48
N PHE A 61 -2.49 -11.51 19.30
CA PHE A 61 -3.73 -11.10 19.94
C PHE A 61 -3.62 -11.08 21.46
N ASN A 62 -3.99 -9.95 22.07
CA ASN A 62 -3.88 -9.79 23.51
C ASN A 62 -5.21 -9.93 24.23
N PHE A 63 -5.40 -11.05 24.93
CA PHE A 63 -6.63 -11.31 25.67
C PHE A 63 -6.58 -10.89 27.12
N THR A 64 -5.56 -10.13 27.51
CA THR A 64 -5.43 -9.78 28.92
C THR A 64 -5.55 -8.28 29.18
N VAL A 65 -6.04 -7.96 30.37
CA VAL A 65 -6.11 -6.58 30.84
C VAL A 65 -5.02 -6.41 31.90
N LEU A 66 -4.18 -5.40 31.74
CA LEU A 66 -3.17 -5.05 32.74
C LEU A 66 -3.86 -4.63 34.05
N PRO A 67 -3.10 -4.60 35.16
CA PRO A 67 -3.62 -4.27 36.49
C PRO A 67 -4.93 -3.48 36.46
N1 5CM B 9 8.78 5.34 -14.62
C2 5CM B 9 8.71 6.48 -15.47
N3 5CM B 9 7.65 7.31 -15.44
C4 5CM B 9 6.64 7.08 -14.58
C5 5CM B 9 6.69 5.90 -13.69
C5A 5CM B 9 5.58 5.62 -12.71
C6 5CM B 9 7.81 5.07 -13.74
O2 5CM B 9 9.64 6.70 -16.27
N4 5CM B 9 5.57 7.92 -14.56
C1' 5CM B 9 9.97 4.49 -14.70
C2' 5CM B 9 10.35 3.76 -13.42
C3' 5CM B 9 11.39 2.82 -14.00
C4' 5CM B 9 10.80 2.43 -15.35
O4' 5CM B 9 9.85 3.46 -15.67
O3' 5CM B 9 12.51 3.66 -14.28
C5' 5CM B 9 10.07 1.10 -15.27
O5' 5CM B 9 9.34 1.06 -14.06
P 5CM B 9 8.36 -0.19 -13.76
OP1 5CM B 9 9.22 -1.43 -13.73
OP2 5CM B 9 7.49 0.17 -12.59
P 5HC C 4 3.52 18.28 -12.56
OP1 5HC C 4 2.63 19.43 -12.96
OP2 5HC C 4 2.92 16.97 -12.14
O5' 5HC C 4 4.52 17.96 -13.78
C5' 5HC C 4 5.14 19.00 -14.51
C4' 5HC C 4 6.13 18.40 -15.48
O4' 5HC C 4 6.89 17.40 -14.81
C3' 5HC C 4 5.50 17.75 -16.71
O3' 5HC C 4 6.00 18.44 -17.86
C2' 5HC C 4 5.96 16.31 -16.70
C1' 5HC C 4 7.05 16.25 -15.64
N1 5HC C 4 6.95 15.03 -14.85
C2 5HC C 4 7.88 13.97 -15.03
O2 5HC C 4 8.78 14.08 -15.89
N3 5HC C 4 7.80 12.84 -14.30
C4 5HC C 4 6.84 12.70 -13.36
N4 5HC C 4 6.77 11.57 -12.63
C5 5HC C 4 5.87 13.81 -13.15
C5M 5HC C 4 4.78 13.71 -12.12
O5 5HC C 4 5.35 13.23 -10.90
C6 5HC C 4 6.00 14.95 -13.92
C ACT D . 3.45 -20.97 2.06
O ACT D . 3.40 -19.82 1.60
OXT ACT D . 4.29 -21.74 1.53
CH3 ACT D . 2.58 -21.42 3.18
C1 EDO E . 0.68 17.14 -8.53
O1 EDO E . 0.73 18.56 -8.30
C2 EDO E . 1.59 16.78 -9.71
O2 EDO E . 1.36 15.44 -10.14
#